data_9OAK
#
_entry.id   9OAK
#
_cell.length_a   69.734
_cell.length_b   69.734
_cell.length_c   316.121
_cell.angle_alpha   90.00
_cell.angle_beta   90.00
_cell.angle_gamma   120.00
#
_symmetry.space_group_name_H-M   'P 65 2 2'
#
loop_
_entity.id
_entity.type
_entity.pdbx_description
1 polymer 'nucleoside-diphosphate kinase'
2 non-polymer "CYTIDINE-5'-TRIPHOSPHATE"
3 non-polymer 'MAGNESIUM ION'
4 non-polymer "CYTIDINE-5'-DIPHOSPHATE"
5 water water
#
_entity_poly.entity_id   1
_entity_poly.type   'polypeptide(L)'
_entity_poly.pdbx_seq_one_letter_code
;MAHHHHHHVEQTYLMIKPDGIQRQVVGEIISRFEKRGYRIAAMKLTIATPAILEEHYAEHKGKPFLPGLIEKMTGPVLCM
VFEGVDVIAQARKMMGSTRPGEAAPGTIRADFCQQAGRNLI(HIP)GSDSAESAKREISLWFKPEEIQSYKLALSDYIFE
;
_entity_poly.pdbx_strand_id   A,B,C
#
# COMPACT_ATOMS: atom_id res chain seq x y z
N HIS A 8 -8.34 17.91 -18.41
CA HIS A 8 -9.68 18.16 -17.87
C HIS A 8 -9.94 17.27 -16.64
N VAL A 9 -10.46 17.86 -15.57
CA VAL A 9 -10.82 17.04 -14.42
C VAL A 9 -12.24 16.53 -14.60
N GLU A 10 -12.62 15.54 -13.79
CA GLU A 10 -14.01 15.14 -13.67
C GLU A 10 -14.32 14.98 -12.18
N GLN A 11 -15.59 14.69 -11.88
CA GLN A 11 -16.06 14.49 -10.51
C GLN A 11 -16.71 13.12 -10.39
N THR A 12 -16.43 12.43 -9.28
CA THR A 12 -17.04 11.14 -9.02
C THR A 12 -17.77 11.19 -7.68
N TYR A 13 -18.79 10.31 -7.55
CA TYR A 13 -19.51 10.14 -6.29
C TYR A 13 -18.90 8.98 -5.49
N LEU A 14 -18.44 9.26 -4.28
CA LEU A 14 -17.90 8.25 -3.38
C LEU A 14 -18.71 8.30 -2.09
N MET A 15 -19.07 7.14 -1.57
CA MET A 15 -19.91 7.10 -0.38
C MET A 15 -19.32 6.11 0.61
N ILE A 16 -19.02 6.58 1.82
CA ILE A 16 -18.57 5.68 2.87
C ILE A 16 -19.80 5.00 3.45
N LYS A 17 -19.80 3.67 3.43
CA LYS A 17 -20.95 2.87 3.84
C LYS A 17 -20.99 2.74 5.36
N PRO A 18 -22.07 2.21 5.91
CA PRO A 18 -22.18 2.20 7.39
C PRO A 18 -21.03 1.50 8.08
N ASP A 19 -20.44 0.48 7.47
CA ASP A 19 -19.29 -0.17 8.09
C ASP A 19 -18.09 0.78 8.17
N GLY A 20 -17.90 1.68 7.19
CA GLY A 20 -16.82 2.66 7.34
C GLY A 20 -17.06 3.62 8.49
N ILE A 21 -18.31 4.04 8.66
CA ILE A 21 -18.65 4.93 9.78
C ILE A 21 -18.44 4.21 11.11
N GLN A 22 -19.00 3.00 11.24
CA GLN A 22 -19.00 2.27 12.51
C GLN A 22 -17.62 1.79 12.91
N ARG A 23 -16.78 1.44 11.94
CA ARG A 23 -15.40 1.05 12.23
C ARG A 23 -14.51 2.26 12.43
N GLN A 24 -15.05 3.45 12.23
CA GLN A 24 -14.38 4.70 12.54
C GLN A 24 -13.08 4.85 11.74
N VAL A 25 -13.20 4.67 10.43
CA VAL A 25 -12.09 4.85 9.51
C VAL A 25 -12.39 5.92 8.46
N VAL A 26 -13.34 6.81 8.76
CA VAL A 26 -13.71 7.86 7.81
C VAL A 26 -12.51 8.71 7.45
N GLY A 27 -11.76 9.15 8.46
CA GLY A 27 -10.64 10.03 8.18
C GLY A 27 -9.59 9.35 7.34
N GLU A 28 -9.32 8.07 7.61
CA GLU A 28 -8.33 7.35 6.85
C GLU A 28 -8.73 7.24 5.38
N ILE A 29 -10.03 7.03 5.12
CA ILE A 29 -10.52 6.93 3.74
C ILE A 29 -10.34 8.27 3.04
N ILE A 30 -10.78 9.35 3.70
CA ILE A 30 -10.65 10.68 3.09
C ILE A 30 -9.19 10.97 2.78
N SER A 31 -8.28 10.64 3.71
CA SER A 31 -6.85 10.92 3.52
C SER A 31 -6.29 10.23 2.27
N ARG A 32 -6.77 9.03 1.94
CA ARG A 32 -6.26 8.36 0.75
C ARG A 32 -6.55 9.15 -0.52
N PHE A 33 -7.73 9.76 -0.61
CA PHE A 33 -8.07 10.56 -1.79
C PHE A 33 -7.38 11.93 -1.76
N GLU A 34 -7.34 12.57 -0.60
CA GLU A 34 -6.59 13.83 -0.49
C GLU A 34 -5.13 13.66 -0.86
N LYS A 35 -4.56 12.49 -0.59
CA LYS A 35 -3.13 12.25 -0.82
C LYS A 35 -2.75 12.39 -2.28
N ARG A 36 -3.68 12.16 -3.21
CA ARG A 36 -3.42 12.33 -4.63
C ARG A 36 -3.72 13.73 -5.14
N GLY A 37 -4.05 14.66 -4.25
CA GLY A 37 -4.48 15.96 -4.70
C GLY A 37 -5.88 16.01 -5.26
N TYR A 38 -6.70 15.02 -4.93
CA TYR A 38 -8.10 15.10 -5.31
C TYR A 38 -8.79 16.12 -4.41
N ARG A 39 -9.68 16.91 -5.00
CA ARG A 39 -10.34 18.00 -4.30
C ARG A 39 -11.70 17.56 -3.79
N ILE A 40 -11.98 17.87 -2.51
CA ILE A 40 -13.29 17.62 -1.93
C ILE A 40 -14.24 18.69 -2.49
N ALA A 41 -15.18 18.28 -3.33
CA ALA A 41 -16.16 19.21 -3.88
C ALA A 41 -17.49 19.17 -3.13
N ALA A 42 -17.78 18.10 -2.40
CA ALA A 42 -19.01 18.02 -1.63
C ALA A 42 -18.82 16.95 -0.57
N MET A 43 -19.51 17.12 0.57
CA MET A 43 -19.38 16.15 1.66
C MET A 43 -20.57 16.34 2.60
N LYS A 44 -21.22 15.25 2.97
CA LYS A 44 -22.44 15.30 3.77
C LYS A 44 -22.63 13.99 4.51
N LEU A 45 -22.77 14.05 5.83
CA LEU A 45 -23.23 12.89 6.58
C LEU A 45 -24.75 12.82 6.60
N THR A 46 -25.29 11.64 6.26
CA THR A 46 -26.72 11.44 6.34
C THR A 46 -26.94 10.01 6.79
N ILE A 47 -28.21 9.65 6.97
CA ILE A 47 -28.59 8.26 7.21
C ILE A 47 -29.36 7.80 5.99
N ALA A 48 -28.80 6.82 5.29
CA ALA A 48 -29.40 6.29 4.08
C ALA A 48 -30.66 5.52 4.45
N THR A 49 -31.71 5.72 3.65
CA THR A 49 -32.99 5.09 3.86
C THR A 49 -33.35 4.22 2.67
N PRO A 50 -34.28 3.30 2.84
CA PRO A 50 -34.60 2.40 1.72
C PRO A 50 -35.02 3.11 0.46
N ALA A 51 -35.76 4.22 0.55
CA ALA A 51 -36.26 4.83 -0.67
C ALA A 51 -35.13 5.43 -1.50
N ILE A 52 -34.18 6.10 -0.84
CA ILE A 52 -33.07 6.67 -1.59
C ILE A 52 -32.14 5.58 -2.07
N LEU A 53 -32.01 4.51 -1.31
CA LEU A 53 -31.10 3.43 -1.73
C LEU A 53 -31.67 2.66 -2.91
N GLU A 54 -33.00 2.55 -3.00
CA GLU A 54 -33.61 1.95 -4.17
C GLU A 54 -33.24 2.70 -5.44
N GLU A 55 -33.22 4.03 -5.38
CA GLU A 55 -32.80 4.84 -6.51
C GLU A 55 -31.30 4.70 -6.76
N HIS A 56 -30.49 4.72 -5.70
CA HIS A 56 -29.03 4.57 -5.86
C HIS A 56 -28.69 3.27 -6.57
N TYR A 57 -29.34 2.18 -6.18
CA TYR A 57 -29.11 0.86 -6.74
C TYR A 57 -30.13 0.48 -7.80
N ALA A 58 -30.60 1.46 -8.56
CA ALA A 58 -31.67 1.18 -9.51
C ALA A 58 -31.26 0.14 -10.53
N GLU A 59 -29.96 0.07 -10.86
CA GLU A 59 -29.51 -0.90 -11.86
C GLU A 59 -29.72 -2.33 -11.40
N HIS A 60 -29.88 -2.55 -10.09
CA HIS A 60 -30.08 -3.87 -9.52
C HIS A 60 -31.54 -4.19 -9.25
N LYS A 61 -32.47 -3.35 -9.71
CA LYS A 61 -33.88 -3.59 -9.45
C LYS A 61 -34.26 -5.00 -9.87
N GLY A 62 -35.05 -5.66 -9.02
CA GLY A 62 -35.55 -7.00 -9.29
C GLY A 62 -34.61 -8.13 -8.96
N LYS A 63 -33.35 -7.86 -8.63
CA LYS A 63 -32.38 -8.92 -8.38
C LYS A 63 -32.56 -9.51 -6.98
N PRO A 64 -32.20 -10.78 -6.81
CA PRO A 64 -32.44 -11.43 -5.50
C PRO A 64 -31.68 -10.82 -4.34
N PHE A 65 -30.48 -10.30 -4.57
CA PHE A 65 -29.65 -9.79 -3.50
C PHE A 65 -30.01 -8.36 -3.10
N LEU A 66 -30.92 -7.71 -3.81
CA LEU A 66 -31.11 -6.27 -3.57
C LEU A 66 -31.68 -6.00 -2.19
N PRO A 67 -32.68 -6.75 -1.71
CA PRO A 67 -33.18 -6.48 -0.34
C PRO A 67 -32.09 -6.53 0.73
N GLY A 68 -31.23 -7.55 0.73
CA GLY A 68 -30.17 -7.62 1.71
C GLY A 68 -29.16 -6.49 1.57
N LEU A 69 -28.93 -6.05 0.34
CA LEU A 69 -28.04 -4.93 0.12
C LEU A 69 -28.62 -3.66 0.73
N ILE A 70 -29.91 -3.42 0.50
CA ILE A 70 -30.54 -2.22 1.06
CA ILE A 70 -30.57 -2.24 1.06
C ILE A 70 -30.52 -2.28 2.59
N GLU A 71 -30.73 -3.46 3.16
CA GLU A 71 -30.67 -3.62 4.60
C GLU A 71 -29.31 -3.23 5.15
N LYS A 72 -28.23 -3.74 4.53
CA LYS A 72 -26.89 -3.45 5.02
C LYS A 72 -26.56 -1.98 4.89
N MET A 73 -27.11 -1.32 3.88
CA MET A 73 -26.78 0.06 3.59
C MET A 73 -27.65 1.03 4.36
N THR A 74 -28.67 0.55 5.08
CA THR A 74 -29.56 1.43 5.84
C THR A 74 -28.84 1.77 7.14
N GLY A 75 -28.33 2.98 7.22
CA GLY A 75 -27.46 3.38 8.30
C GLY A 75 -26.76 4.66 7.93
N PRO A 76 -25.90 5.16 8.83
CA PRO A 76 -25.13 6.36 8.53
C PRO A 76 -24.20 6.12 7.35
N VAL A 77 -24.13 7.12 6.46
CA VAL A 77 -23.20 7.12 5.33
C VAL A 77 -22.59 8.52 5.23
N LEU A 78 -21.39 8.58 4.62
CA LEU A 78 -20.79 9.86 4.25
C LEU A 78 -20.81 9.98 2.73
N CYS A 79 -21.62 10.89 2.23
CA CYS A 79 -21.70 11.22 0.80
C CYS A 79 -20.56 12.15 0.46
N MET A 80 -19.84 11.88 -0.63
CA MET A 80 -18.68 12.69 -1.01
C MET A 80 -18.65 12.87 -2.52
N VAL A 81 -18.13 14.02 -2.96
CA VAL A 81 -17.75 14.22 -4.35
C VAL A 81 -16.29 14.61 -4.37
N PHE A 82 -15.47 13.86 -5.10
CA PHE A 82 -14.06 14.20 -5.31
C PHE A 82 -13.82 14.55 -6.76
N GLU A 83 -12.92 15.51 -6.99
CA GLU A 83 -12.56 15.98 -8.32
C GLU A 83 -11.08 15.71 -8.60
N GLY A 84 -10.81 15.27 -9.82
CA GLY A 84 -9.44 15.05 -10.24
C GLY A 84 -9.40 14.52 -11.67
N VAL A 85 -8.18 14.44 -12.20
CA VAL A 85 -7.99 13.84 -13.52
C VAL A 85 -8.39 12.37 -13.48
N ASP A 86 -9.31 11.96 -14.37
CA ASP A 86 -9.68 10.55 -14.50
C ASP A 86 -10.17 9.98 -13.16
N VAL A 87 -10.74 10.82 -12.30
CA VAL A 87 -10.98 10.38 -10.93
C VAL A 87 -12.04 9.30 -10.84
N ILE A 88 -12.96 9.19 -11.82
CA ILE A 88 -13.96 8.13 -11.74
C ILE A 88 -13.28 6.77 -11.80
N ALA A 89 -12.48 6.56 -12.84
CA ALA A 89 -11.78 5.27 -12.98
C ALA A 89 -10.72 5.10 -11.90
N GLN A 90 -10.00 6.16 -11.56
CA GLN A 90 -8.93 6.05 -10.56
C GLN A 90 -9.49 5.72 -9.18
N ALA A 91 -10.60 6.35 -8.79
CA ALA A 91 -11.19 6.01 -7.50
C ALA A 91 -11.62 4.54 -7.45
N ARG A 92 -12.16 4.01 -8.56
CA ARG A 92 -12.47 2.58 -8.63
CA ARG A 92 -12.48 2.59 -8.59
C ARG A 92 -11.23 1.73 -8.43
N LYS A 93 -10.13 2.12 -9.05
CA LYS A 93 -8.89 1.39 -8.88
C LYS A 93 -8.41 1.41 -7.43
N MET A 94 -8.55 2.57 -6.77
CA MET A 94 -8.12 2.70 -5.39
C MET A 94 -9.00 1.91 -4.44
N MET A 95 -10.31 1.79 -4.76
CA MET A 95 -11.21 1.01 -3.91
C MET A 95 -10.87 -0.46 -3.98
N GLY A 96 -10.52 -0.94 -5.18
CA GLY A 96 -10.30 -2.35 -5.42
C GLY A 96 -11.57 -3.10 -5.76
N SER A 97 -11.37 -4.37 -6.13
CA SER A 97 -12.45 -5.26 -6.51
C SER A 97 -13.56 -5.28 -5.46
N THR A 98 -14.78 -5.55 -5.95
CA THR A 98 -15.95 -5.66 -5.09
C THR A 98 -15.73 -6.62 -3.94
N ARG A 99 -15.17 -7.78 -4.23
CA ARG A 99 -14.75 -8.76 -3.25
C ARG A 99 -13.41 -8.38 -2.64
N PRO A 100 -13.35 -8.01 -1.36
CA PRO A 100 -12.04 -7.64 -0.77
C PRO A 100 -10.99 -8.73 -0.93
N GLY A 101 -11.39 -10.00 -0.95
CA GLY A 101 -10.42 -11.08 -1.10
C GLY A 101 -9.78 -11.15 -2.47
N GLU A 102 -10.40 -10.53 -3.46
CA GLU A 102 -9.87 -10.44 -4.81
C GLU A 102 -9.16 -9.12 -5.08
N ALA A 103 -9.32 -8.13 -4.21
CA ALA A 103 -8.77 -6.80 -4.43
C ALA A 103 -7.25 -6.79 -4.27
N ALA A 104 -6.60 -5.88 -4.98
CA ALA A 104 -5.15 -5.79 -4.96
C ALA A 104 -4.65 -5.23 -3.62
N PRO A 105 -3.54 -5.74 -3.11
CA PRO A 105 -2.94 -5.10 -1.93
C PRO A 105 -2.71 -3.62 -2.19
N GLY A 106 -2.93 -2.79 -1.17
CA GLY A 106 -2.85 -1.36 -1.34
C GLY A 106 -4.14 -0.68 -1.65
N THR A 107 -5.18 -1.42 -2.01
CA THR A 107 -6.49 -0.84 -2.23
C THR A 107 -7.26 -0.78 -0.91
N ILE A 108 -8.31 0.04 -0.91
CA ILE A 108 -9.10 0.20 0.32
C ILE A 108 -9.72 -1.12 0.74
N ARG A 109 -10.39 -1.80 -0.18
CA ARG A 109 -11.09 -3.02 0.21
C ARG A 109 -10.12 -4.13 0.63
N ALA A 110 -8.98 -4.26 -0.03
CA ALA A 110 -8.00 -5.26 0.41
C ALA A 110 -7.43 -4.93 1.78
N ASP A 111 -7.22 -3.65 2.06
CA ASP A 111 -6.52 -3.25 3.28
C ASP A 111 -7.43 -3.27 4.51
N PHE A 112 -8.75 -3.08 4.32
CA PHE A 112 -9.67 -2.95 5.43
C PHE A 112 -10.69 -4.08 5.58
N CYS A 113 -10.95 -4.88 4.56
CA CYS A 113 -12.19 -5.65 4.52
C CYS A 113 -11.97 -7.13 4.22
N GLN A 114 -13.05 -7.89 4.41
CA GLN A 114 -13.05 -9.34 4.20
C GLN A 114 -14.04 -9.81 3.15
N GLN A 115 -15.27 -9.25 3.15
CA GLN A 115 -16.36 -9.76 2.32
C GLN A 115 -17.07 -8.66 1.56
N ALA A 116 -17.66 -9.05 0.42
CA ALA A 116 -18.24 -8.07 -0.50
C ALA A 116 -19.38 -7.29 0.15
N GLY A 117 -20.18 -7.97 0.99
CA GLY A 117 -21.31 -7.32 1.65
C GLY A 117 -20.93 -6.29 2.71
N ARG A 118 -19.65 -6.22 3.10
CA ARG A 118 -19.15 -5.20 4.00
C ARG A 118 -17.83 -4.71 3.42
N ASN A 119 -17.91 -3.94 2.31
CA ASN A 119 -16.72 -3.50 1.60
C ASN A 119 -16.53 -1.98 1.63
N LEU A 120 -17.04 -1.34 2.68
CA LEU A 120 -16.60 -0.05 3.21
C LEU A 120 -17.05 1.19 2.45
N ILE A 121 -17.04 1.11 1.12
CA ILE A 121 -17.11 2.31 0.30
C ILE A 121 -17.76 1.96 -1.02
N HIS A 122 -18.47 2.95 -1.58
CA HIS A 122 -19.04 2.89 -2.92
C HIS A 122 -18.40 3.98 -3.79
N GLY A 123 -18.16 3.67 -5.06
CA GLY A 123 -17.72 4.69 -5.99
C GLY A 123 -18.38 4.52 -7.34
N SER A 124 -18.67 5.63 -8.02
CA SER A 124 -19.31 5.58 -9.32
C SER A 124 -18.51 4.74 -10.30
N ASP A 125 -19.20 3.98 -11.15
CA ASP A 125 -18.47 3.12 -12.07
C ASP A 125 -18.34 3.67 -13.48
N SER A 126 -18.88 4.86 -13.77
CA SER A 126 -18.84 5.43 -15.11
C SER A 126 -19.20 6.91 -15.05
N ALA A 127 -18.93 7.62 -16.15
CA ALA A 127 -19.32 9.03 -16.22
C ALA A 127 -20.82 9.19 -16.03
N GLU A 128 -21.61 8.29 -16.64
CA GLU A 128 -23.06 8.41 -16.55
C GLU A 128 -23.54 8.15 -15.13
N SER A 129 -22.99 7.13 -14.46
CA SER A 129 -23.43 6.88 -13.10
CA SER A 129 -23.39 6.85 -13.09
C SER A 129 -22.93 7.95 -12.14
N ALA A 130 -21.76 8.53 -12.39
CA ALA A 130 -21.33 9.62 -11.53
C ALA A 130 -22.30 10.81 -11.61
N LYS A 131 -22.70 11.18 -12.82
CA LYS A 131 -23.63 12.29 -12.96
C LYS A 131 -24.93 11.99 -12.23
N ARG A 132 -25.46 10.77 -12.40
CA ARG A 132 -26.73 10.41 -11.80
CA ARG A 132 -26.72 10.38 -11.79
C ARG A 132 -26.64 10.35 -10.29
N GLU A 133 -25.55 9.76 -9.77
CA GLU A 133 -25.41 9.60 -8.33
C GLU A 133 -25.17 10.94 -7.64
N ILE A 134 -24.32 11.80 -8.22
CA ILE A 134 -24.11 13.11 -7.62
C ILE A 134 -25.44 13.87 -7.54
N SER A 135 -26.24 13.78 -8.59
CA SER A 135 -27.53 14.47 -8.58
C SER A 135 -28.51 13.86 -7.59
N LEU A 136 -28.40 12.55 -7.33
CA LEU A 136 -29.33 11.91 -6.42
C LEU A 136 -29.08 12.33 -4.98
N TRP A 137 -27.81 12.38 -4.58
CA TRP A 137 -27.46 12.59 -3.18
C TRP A 137 -27.17 14.05 -2.86
N PHE A 138 -26.90 14.89 -3.85
CA PHE A 138 -26.57 16.30 -3.60
C PHE A 138 -27.44 17.21 -4.47
N LYS A 139 -27.87 18.30 -3.88
CA LYS A 139 -28.40 19.42 -4.64
C LYS A 139 -27.23 20.22 -5.23
N PRO A 140 -27.45 20.92 -6.36
CA PRO A 140 -26.33 21.66 -6.96
C PRO A 140 -25.72 22.69 -6.02
N GLU A 141 -26.53 23.29 -5.15
CA GLU A 141 -25.98 24.28 -4.21
C GLU A 141 -25.06 23.65 -3.16
N GLU A 142 -25.01 22.33 -3.04
CA GLU A 142 -24.11 21.67 -2.10
C GLU A 142 -22.75 21.40 -2.70
N ILE A 143 -22.59 21.58 -3.99
CA ILE A 143 -21.32 21.31 -4.68
CA ILE A 143 -21.32 21.32 -4.68
C ILE A 143 -20.52 22.58 -4.70
N GLN A 144 -19.33 22.55 -4.13
CA GLN A 144 -18.51 23.70 -3.86
C GLN A 144 -17.37 23.79 -4.86
N SER A 145 -17.20 24.96 -5.46
CA SER A 145 -16.14 25.21 -6.43
CA SER A 145 -16.14 25.21 -6.43
C SER A 145 -15.06 26.09 -5.82
N TYR A 146 -13.85 25.59 -5.78
CA TYR A 146 -12.67 26.35 -5.37
C TYR A 146 -11.48 25.67 -6.01
N LYS A 147 -10.35 26.36 -6.01
CA LYS A 147 -9.12 25.86 -6.63
C LYS A 147 -8.11 25.50 -5.54
N LEU A 148 -7.49 24.34 -5.66
CA LEU A 148 -6.44 23.95 -4.73
C LEU A 148 -5.20 24.81 -4.92
N ALA A 149 -4.65 25.30 -3.81
CA ALA A 149 -3.46 26.15 -3.88
C ALA A 149 -2.27 25.45 -4.51
N LEU A 150 -2.18 24.12 -4.39
CA LEU A 150 -1.06 23.37 -4.97
C LEU A 150 -1.35 22.87 -6.39
N SER A 151 -2.33 23.45 -7.08
CA SER A 151 -2.70 23.00 -8.42
CA SER A 151 -2.69 22.97 -8.41
C SER A 151 -1.50 22.94 -9.36
N ASP A 152 -0.61 23.95 -9.31
CA ASP A 152 0.53 23.97 -10.23
C ASP A 152 1.46 22.77 -10.05
N TYR A 153 1.43 22.13 -8.89
CA TYR A 153 2.28 20.99 -8.58
C TYR A 153 1.52 19.67 -8.63
N ILE A 154 0.23 19.69 -8.87
CA ILE A 154 -0.57 18.49 -9.02
C ILE A 154 -0.88 18.19 -10.48
N PHE A 155 -1.20 19.21 -11.27
CA PHE A 155 -1.59 19.06 -12.66
C PHE A 155 -0.45 19.50 -13.57
N GLU A 156 -0.31 18.81 -14.69
CA GLU A 156 0.76 19.13 -15.63
C GLU A 156 0.28 20.29 -16.49
N HIS B 8 -18.32 -18.30 7.65
CA HIS B 8 -17.41 -19.38 8.00
C HIS B 8 -15.97 -18.82 8.04
N VAL B 9 -15.32 -18.94 9.17
CA VAL B 9 -13.98 -18.38 9.34
C VAL B 9 -13.01 -19.54 9.50
N GLU B 10 -11.75 -19.25 9.29
CA GLU B 10 -10.69 -20.21 9.57
C GLU B 10 -9.58 -19.51 10.35
N GLN B 11 -8.56 -20.27 10.72
CA GLN B 11 -7.45 -19.76 11.51
C GLN B 11 -6.16 -20.11 10.81
N THR B 12 -5.20 -19.18 10.85
CA THR B 12 -3.89 -19.42 10.27
C THR B 12 -2.82 -19.14 11.31
N TYR B 13 -1.65 -19.78 11.13
CA TYR B 13 -0.48 -19.55 11.96
C TYR B 13 0.39 -18.49 11.28
N LEU B 14 0.64 -17.38 11.98
CA LEU B 14 1.52 -16.32 11.52
C LEU B 14 2.59 -16.13 12.57
N MET B 15 3.83 -15.98 12.14
CA MET B 15 4.95 -15.87 13.06
C MET B 15 5.86 -14.74 12.61
N ILE B 16 6.08 -13.77 13.50
CA ILE B 16 7.05 -12.71 13.22
C ILE B 16 8.43 -13.27 13.53
N LYS B 17 9.31 -13.22 12.54
CA LYS B 17 10.65 -13.80 12.63
C LYS B 17 11.58 -12.86 13.36
N PRO B 18 12.78 -13.31 13.69
CA PRO B 18 13.67 -12.47 14.50
C PRO B 18 13.95 -11.13 13.86
N ASP B 19 13.96 -11.03 12.52
CA ASP B 19 14.18 -9.72 11.92
C ASP B 19 13.03 -8.77 12.19
N GLY B 20 11.79 -9.27 12.26
CA GLY B 20 10.68 -8.41 12.62
C GLY B 20 10.80 -7.89 14.05
N ILE B 21 11.24 -8.74 14.97
CA ILE B 21 11.44 -8.32 16.34
C ILE B 21 12.57 -7.29 16.42
N GLN B 22 13.71 -7.58 15.81
CA GLN B 22 14.90 -6.76 15.95
C GLN B 22 14.76 -5.42 15.23
N ARG B 23 14.03 -5.41 14.12
CA ARG B 23 13.80 -4.16 13.42
C ARG B 23 12.68 -3.36 14.07
N GLN B 24 12.02 -3.95 15.06
CA GLN B 24 11.03 -3.28 15.93
C GLN B 24 9.84 -2.78 15.12
N VAL B 25 9.29 -3.68 14.31
CA VAL B 25 8.09 -3.46 13.51
C VAL B 25 6.97 -4.44 13.90
N VAL B 26 7.02 -5.01 15.10
CA VAL B 26 5.98 -5.95 15.53
C VAL B 26 4.61 -5.31 15.49
N GLY B 27 4.48 -4.13 16.10
CA GLY B 27 3.20 -3.46 16.12
C GLY B 27 2.66 -3.15 14.74
N GLU B 28 3.51 -2.68 13.83
CA GLU B 28 3.08 -2.41 12.46
C GLU B 28 2.54 -3.66 11.79
N ILE B 29 3.20 -4.79 12.00
CA ILE B 29 2.74 -6.05 11.39
C ILE B 29 1.35 -6.42 11.93
N ILE B 30 1.20 -6.42 13.26
CA ILE B 30 -0.09 -6.76 13.87
C ILE B 30 -1.18 -5.84 13.34
N SER B 31 -0.87 -4.55 13.23
CA SER B 31 -1.87 -3.59 12.79
C SER B 31 -2.41 -3.93 11.40
N ARG B 32 -1.56 -4.48 10.52
CA ARG B 32 -2.05 -4.78 9.18
C ARG B 32 -3.15 -5.83 9.22
N PHE B 33 -3.02 -6.81 10.12
CA PHE B 33 -4.02 -7.85 10.20
C PHE B 33 -5.25 -7.38 10.97
N GLU B 34 -5.06 -6.63 12.05
CA GLU B 34 -6.18 -6.04 12.76
C GLU B 34 -7.02 -5.15 11.86
N LYS B 35 -6.37 -4.49 10.89
CA LYS B 35 -7.06 -3.51 10.05
C LYS B 35 -8.16 -4.13 9.24
N ARG B 36 -8.05 -5.43 8.93
CA ARG B 36 -9.07 -6.13 8.17
C ARG B 36 -10.11 -6.78 9.06
N GLY B 37 -10.06 -6.54 10.35
CA GLY B 37 -10.99 -7.20 11.24
C GLY B 37 -10.67 -8.64 11.53
N TYR B 38 -9.43 -9.07 11.30
CA TYR B 38 -9.00 -10.39 11.73
C TYR B 38 -8.83 -10.40 13.25
N ARG B 39 -9.23 -11.51 13.87
CA ARG B 39 -9.21 -11.65 15.31
C ARG B 39 -7.92 -12.32 15.76
N ILE B 40 -7.27 -11.72 16.76
CA ILE B 40 -6.15 -12.37 17.43
C ILE B 40 -6.69 -13.48 18.32
N ALA B 41 -6.48 -14.73 17.90
CA ALA B 41 -6.90 -15.88 18.68
C ALA B 41 -5.80 -16.39 19.59
N ALA B 42 -4.55 -16.09 19.28
CA ALA B 42 -3.43 -16.51 20.11
C ALA B 42 -2.24 -15.62 19.80
N MET B 43 -1.38 -15.43 20.78
CA MET B 43 -0.20 -14.59 20.63
C MET B 43 0.76 -14.94 21.76
N LYS B 44 2.02 -15.20 21.42
CA LYS B 44 3.01 -15.55 22.44
C LYS B 44 4.40 -15.20 21.90
N LEU B 45 5.19 -14.49 22.71
CA LEU B 45 6.61 -14.33 22.42
C LEU B 45 7.39 -15.50 22.96
N THR B 46 8.26 -16.07 22.14
CA THR B 46 9.17 -17.10 22.59
C THR B 46 10.50 -16.90 21.89
N ILE B 47 11.47 -17.75 22.19
CA ILE B 47 12.72 -17.79 21.45
C ILE B 47 12.74 -19.15 20.74
N ALA B 48 12.73 -19.10 19.41
CA ALA B 48 12.75 -20.32 18.61
C ALA B 48 14.10 -21.00 18.75
N THR B 49 14.07 -22.32 18.88
CA THR B 49 15.26 -23.14 19.03
C THR B 49 15.41 -24.11 17.87
N PRO B 50 16.60 -24.67 17.68
CA PRO B 50 16.77 -25.62 16.57
C PRO B 50 15.82 -26.80 16.59
N ALA B 51 15.54 -27.40 17.74
CA ALA B 51 14.68 -28.58 17.73
C ALA B 51 13.28 -28.24 17.24
N ILE B 52 12.74 -27.09 17.66
CA ILE B 52 11.40 -26.76 17.19
C ILE B 52 11.44 -26.31 15.74
N LEU B 53 12.52 -25.64 15.33
CA LEU B 53 12.60 -25.20 13.94
C LEU B 53 12.79 -26.36 12.99
N GLU B 54 13.51 -27.42 13.41
CA GLU B 54 13.60 -28.61 12.59
C GLU B 54 12.23 -29.19 12.30
N GLU B 55 11.31 -29.14 13.28
CA GLU B 55 9.96 -29.62 13.06
CA GLU B 55 9.97 -29.64 13.05
C GLU B 55 9.17 -28.68 12.17
N HIS B 56 9.30 -27.39 12.43
CA HIS B 56 8.62 -26.39 11.62
C HIS B 56 9.01 -26.54 10.15
N TYR B 57 10.30 -26.72 9.88
CA TYR B 57 10.83 -26.86 8.53
C TYR B 57 11.05 -28.31 8.14
N ALA B 58 10.22 -29.21 8.64
CA ALA B 58 10.45 -30.64 8.42
C ALA B 58 10.49 -31.00 6.93
N GLU B 59 9.70 -30.32 6.10
CA GLU B 59 9.72 -30.62 4.67
C GLU B 59 11.10 -30.39 4.06
N HIS B 60 11.93 -29.55 4.68
CA HIS B 60 13.22 -29.17 4.14
C HIS B 60 14.39 -29.92 4.78
N LYS B 61 14.10 -30.94 5.60
CA LYS B 61 15.16 -31.75 6.18
C LYS B 61 16.14 -32.23 5.12
N GLY B 62 17.44 -32.01 5.38
CA GLY B 62 18.49 -32.49 4.51
C GLY B 62 18.91 -31.55 3.39
N LYS B 63 18.12 -30.52 3.12
CA LYS B 63 18.45 -29.61 2.04
C LYS B 63 19.60 -28.69 2.44
N PRO B 64 20.40 -28.25 1.46
CA PRO B 64 21.65 -27.56 1.82
C PRO B 64 21.43 -26.23 2.54
N PHE B 65 20.30 -25.58 2.29
CA PHE B 65 20.03 -24.28 2.90
C PHE B 65 19.46 -24.38 4.30
N LEU B 66 19.14 -25.57 4.78
CA LEU B 66 18.41 -25.63 6.04
C LEU B 66 19.28 -25.16 7.22
N PRO B 67 20.55 -25.54 7.32
CA PRO B 67 21.30 -25.11 8.52
C PRO B 67 21.35 -23.60 8.67
N GLY B 68 21.61 -22.87 7.59
CA GLY B 68 21.64 -21.43 7.66
C GLY B 68 20.29 -20.82 7.92
N LEU B 69 19.23 -21.46 7.42
CA LEU B 69 17.88 -21.00 7.71
C LEU B 69 17.59 -21.13 9.20
N ILE B 70 17.94 -22.28 9.78
CA ILE B 70 17.71 -22.47 11.22
CA ILE B 70 17.72 -22.47 11.21
C ILE B 70 18.51 -21.47 12.02
N GLU B 71 19.74 -21.18 11.60
CA GLU B 71 20.54 -20.16 12.26
C GLU B 71 19.84 -18.80 12.24
N LYS B 72 19.30 -18.41 11.08
CA LYS B 72 18.64 -17.12 10.98
C LYS B 72 17.42 -17.04 11.87
N MET B 73 16.70 -18.17 12.01
CA MET B 73 15.47 -18.21 12.74
C MET B 73 15.65 -18.50 14.23
N THR B 74 16.87 -18.79 14.68
CA THR B 74 17.12 -18.99 16.11
C THR B 74 17.20 -17.63 16.78
N GLY B 75 16.12 -17.24 17.44
CA GLY B 75 16.01 -15.91 17.95
C GLY B 75 14.60 -15.68 18.44
N PRO B 76 14.32 -14.50 18.96
CA PRO B 76 12.96 -14.20 19.39
C PRO B 76 11.99 -14.22 18.21
N VAL B 77 10.82 -14.81 18.43
CA VAL B 77 9.74 -14.81 17.45
C VAL B 77 8.43 -14.52 18.17
N LEU B 78 7.47 -13.96 17.44
CA LEU B 78 6.13 -13.77 17.97
C LEU B 78 5.21 -14.75 17.25
N CYS B 79 4.77 -15.78 17.97
CA CYS B 79 3.81 -16.74 17.48
C CYS B 79 2.43 -16.12 17.53
N MET B 80 1.64 -16.29 16.46
CA MET B 80 0.31 -15.71 16.41
C MET B 80 -0.67 -16.63 15.70
N VAL B 81 -1.93 -16.57 16.11
CA VAL B 81 -3.03 -17.16 15.34
C VAL B 81 -4.03 -16.05 15.05
N PHE B 82 -4.36 -15.86 13.78
CA PHE B 82 -5.39 -14.91 13.38
C PHE B 82 -6.55 -15.67 12.76
N GLU B 83 -7.75 -15.14 12.96
CA GLU B 83 -8.99 -15.75 12.49
C GLU B 83 -9.72 -14.79 11.56
N GLY B 84 -10.21 -15.31 10.45
CA GLY B 84 -11.00 -14.51 9.54
C GLY B 84 -11.48 -15.35 8.37
N VAL B 85 -12.31 -14.72 7.54
CA VAL B 85 -12.76 -15.36 6.31
C VAL B 85 -11.57 -15.59 5.39
N ASP B 86 -11.36 -16.85 4.97
CA ASP B 86 -10.33 -17.16 4.00
C ASP B 86 -8.96 -16.67 4.47
N VAL B 87 -8.73 -16.64 5.79
CA VAL B 87 -7.55 -15.95 6.29
C VAL B 87 -6.25 -16.67 5.93
N ILE B 88 -6.26 -17.98 5.68
CA ILE B 88 -5.00 -18.65 5.33
C ILE B 88 -4.47 -18.10 4.01
N ALA B 89 -5.31 -18.12 2.98
CA ALA B 89 -4.92 -17.58 1.68
C ALA B 89 -4.73 -16.07 1.73
N GLN B 90 -5.58 -15.36 2.47
CA GLN B 90 -5.50 -13.91 2.49
C GLN B 90 -4.23 -13.46 3.19
N ALA B 91 -3.85 -14.14 4.28
CA ALA B 91 -2.61 -13.74 4.94
C ALA B 91 -1.41 -13.98 4.02
N ARG B 92 -1.42 -15.08 3.25
CA ARG B 92 -0.34 -15.31 2.29
CA ARG B 92 -0.36 -15.32 2.27
C ARG B 92 -0.26 -14.19 1.28
N LYS B 93 -1.43 -13.72 0.77
CA LYS B 93 -1.46 -12.62 -0.17
C LYS B 93 -0.94 -11.33 0.47
N MET B 94 -1.26 -11.11 1.74
CA MET B 94 -0.83 -9.91 2.44
C MET B 94 0.67 -9.92 2.69
N MET B 95 1.25 -11.09 2.96
CA MET B 95 2.69 -11.18 3.17
C MET B 95 3.44 -10.93 1.87
N GLY B 96 2.89 -11.40 0.75
CA GLY B 96 3.54 -11.34 -0.53
C GLY B 96 4.48 -12.51 -0.76
N SER B 97 5.01 -12.55 -1.99
CA SER B 97 5.96 -13.57 -2.39
C SER B 97 7.06 -13.78 -1.35
N THR B 98 7.49 -15.05 -1.22
CA THR B 98 8.63 -15.41 -0.38
C THR B 98 9.83 -14.52 -0.64
N ARG B 99 10.13 -14.27 -1.91
CA ARG B 99 11.21 -13.38 -2.31
C ARG B 99 10.68 -11.94 -2.35
N PRO B 100 11.13 -11.06 -1.48
CA PRO B 100 10.55 -9.70 -1.46
C PRO B 100 10.65 -8.98 -2.79
N GLY B 101 11.69 -9.26 -3.57
CA GLY B 101 11.84 -8.57 -4.84
C GLY B 101 10.75 -8.89 -5.83
N GLU B 102 10.07 -10.02 -5.64
CA GLU B 102 8.97 -10.44 -6.50
C GLU B 102 7.61 -10.09 -5.92
N ALA B 103 7.56 -9.66 -4.67
CA ALA B 103 6.32 -9.39 -3.98
C ALA B 103 5.68 -8.10 -4.48
N ALA B 104 4.37 -8.06 -4.42
CA ALA B 104 3.63 -6.94 -4.96
C ALA B 104 3.73 -5.73 -4.03
N PRO B 105 3.80 -4.52 -4.57
CA PRO B 105 3.74 -3.34 -3.69
C PRO B 105 2.48 -3.40 -2.83
N GLY B 106 2.60 -3.02 -1.58
CA GLY B 106 1.50 -3.07 -0.65
C GLY B 106 1.53 -4.30 0.22
N THR B 107 2.35 -5.29 -0.11
CA THR B 107 2.48 -6.46 0.73
C THR B 107 3.57 -6.22 1.78
N ILE B 108 3.56 -7.03 2.82
CA ILE B 108 4.52 -6.86 3.90
C ILE B 108 5.94 -7.02 3.39
N ARG B 109 6.22 -8.10 2.65
CA ARG B 109 7.60 -8.34 2.23
C ARG B 109 8.09 -7.30 1.23
N ALA B 110 7.22 -6.86 0.33
CA ALA B 110 7.63 -5.79 -0.58
C ALA B 110 7.87 -4.48 0.16
N ASP B 111 7.09 -4.21 1.19
CA ASP B 111 7.18 -2.91 1.85
C ASP B 111 8.31 -2.82 2.85
N PHE B 112 8.74 -3.97 3.40
CA PHE B 112 9.73 -4.01 4.48
C PHE B 112 11.05 -4.69 4.15
N CYS B 113 11.13 -5.54 3.12
CA CYS B 113 12.23 -6.49 3.04
C CYS B 113 12.95 -6.48 1.69
N GLN B 114 14.08 -7.19 1.66
CA GLN B 114 14.92 -7.27 0.47
C GLN B 114 15.17 -8.68 -0.01
N GLN B 115 15.36 -9.64 0.91
CA GLN B 115 15.75 -10.98 0.53
C GLN B 115 14.95 -12.05 1.27
N ALA B 116 14.86 -13.22 0.65
CA ALA B 116 13.97 -14.26 1.17
C ALA B 116 14.41 -14.73 2.55
N GLY B 117 15.71 -14.79 2.80
CA GLY B 117 16.22 -15.25 4.08
C GLY B 117 15.94 -14.32 5.25
N ARG B 118 15.53 -13.09 4.96
CA ARG B 118 15.15 -12.13 5.99
C ARG B 118 13.83 -11.49 5.51
N ASN B 119 12.76 -12.28 5.52
CA ASN B 119 11.48 -11.81 4.97
C ASN B 119 10.39 -11.66 6.01
N LEU B 120 10.79 -11.38 7.25
CA LEU B 120 10.02 -10.75 8.34
C LEU B 120 9.01 -11.65 9.04
N ILE B 121 8.33 -12.50 8.28
CA ILE B 121 7.09 -13.10 8.75
C ILE B 121 6.93 -14.43 8.06
N GLY B 123 3.73 -17.37 7.26
CA GLY B 123 2.32 -17.70 7.38
C GLY B 123 2.04 -19.06 6.79
N SER B 124 1.09 -19.79 7.37
CA SER B 124 0.76 -21.12 6.86
C SER B 124 0.38 -21.09 5.38
N ASP B 125 0.81 -22.11 4.64
CA ASP B 125 0.51 -22.13 3.22
C ASP B 125 -0.73 -22.94 2.86
N SER B 126 -1.41 -23.55 3.84
CA SER B 126 -2.56 -24.40 3.56
C SER B 126 -3.29 -24.71 4.86
N ALA B 127 -4.51 -25.25 4.72
CA ALA B 127 -5.25 -25.68 5.89
C ALA B 127 -4.49 -26.75 6.68
N GLU B 128 -3.85 -27.68 5.95
CA GLU B 128 -3.11 -28.77 6.60
C GLU B 128 -1.90 -28.23 7.36
N SER B 129 -1.16 -27.31 6.74
CA SER B 129 -0.02 -26.73 7.43
CA SER B 129 -0.01 -26.68 7.40
C SER B 129 -0.44 -25.82 8.57
N ALA B 130 -1.58 -25.11 8.44
CA ALA B 130 -2.03 -24.30 9.57
C ALA B 130 -2.31 -25.16 10.80
N LYS B 131 -3.00 -26.30 10.61
CA LYS B 131 -3.25 -27.20 11.74
C LYS B 131 -1.94 -27.70 12.34
N ARG B 132 -1.01 -28.10 11.48
CA ARG B 132 0.25 -28.65 11.97
CA ARG B 132 0.26 -28.63 11.95
C ARG B 132 1.06 -27.58 12.70
N GLU B 133 1.12 -26.37 12.15
CA GLU B 133 1.92 -25.32 12.76
C GLU B 133 1.30 -24.81 14.05
N ILE B 134 -0.02 -24.63 14.09
CA ILE B 134 -0.66 -24.20 15.33
C ILE B 134 -0.43 -25.24 16.43
N SER B 135 -0.48 -26.53 16.08
CA SER B 135 -0.22 -27.58 17.07
C SER B 135 1.23 -27.59 17.53
N LEU B 136 2.16 -27.24 16.64
CA LEU B 136 3.56 -27.28 17.02
C LEU B 136 3.91 -26.12 17.94
N TRP B 137 3.44 -24.92 17.62
CA TRP B 137 3.95 -23.75 18.32
C TRP B 137 3.10 -23.32 19.51
N PHE B 138 1.86 -23.79 19.59
CA PHE B 138 0.97 -23.42 20.68
C PHE B 138 0.46 -24.65 21.41
N LYS B 139 0.24 -24.50 22.71
CA LYS B 139 -0.61 -25.41 23.45
C LYS B 139 -2.06 -25.01 23.26
N PRO B 140 -2.99 -25.97 23.25
CA PRO B 140 -4.41 -25.60 23.08
C PRO B 140 -4.91 -24.60 24.12
N GLU B 141 -4.32 -24.60 25.32
CA GLU B 141 -4.68 -23.61 26.33
C GLU B 141 -4.52 -22.19 25.82
N GLU B 142 -3.61 -22.00 24.86
CA GLU B 142 -3.21 -20.68 24.42
C GLU B 142 -4.10 -20.12 23.30
N ILE B 143 -5.00 -20.92 22.72
CA ILE B 143 -5.93 -20.43 21.72
C ILE B 143 -7.20 -19.95 22.42
N GLN B 144 -7.55 -18.69 22.24
CA GLN B 144 -8.62 -18.05 23.01
C GLN B 144 -9.85 -17.87 22.15
N SER B 145 -11.02 -18.17 22.70
CA SER B 145 -12.27 -18.01 22.00
CA SER B 145 -12.29 -18.02 22.01
C SER B 145 -13.01 -16.79 22.54
N TYR B 146 -13.23 -15.81 21.66
CA TYR B 146 -14.07 -14.65 21.98
C TYR B 146 -14.55 -14.10 20.64
N LYS B 147 -15.54 -13.20 20.70
CA LYS B 147 -16.17 -12.64 19.52
C LYS B 147 -15.85 -11.15 19.39
N LEU B 148 -15.50 -10.70 18.19
CA LEU B 148 -15.28 -9.28 17.95
C LEU B 148 -16.59 -8.50 17.97
N ALA B 149 -16.61 -7.40 18.74
CA ALA B 149 -17.82 -6.58 18.85
C ALA B 149 -18.23 -5.93 17.54
N LEU B 150 -17.29 -5.71 16.61
CA LEU B 150 -17.62 -5.11 15.32
C LEU B 150 -18.02 -6.15 14.27
N SER B 151 -18.31 -7.38 14.69
CA SER B 151 -18.59 -8.48 13.76
CA SER B 151 -18.58 -8.47 13.75
C SER B 151 -19.68 -8.12 12.76
N ASP B 152 -20.72 -7.40 13.18
CA ASP B 152 -21.83 -7.09 12.28
C ASP B 152 -21.40 -6.19 11.11
N TYR B 153 -20.28 -5.48 11.26
CA TYR B 153 -19.80 -4.58 10.22
C TYR B 153 -18.57 -5.14 9.52
N ILE B 154 -18.06 -6.29 9.95
CA ILE B 154 -16.95 -6.96 9.30
C ILE B 154 -17.43 -8.09 8.40
N PHE B 155 -18.46 -8.82 8.83
CA PHE B 155 -18.95 -9.99 8.12
C PHE B 155 -20.31 -9.71 7.51
N GLU B 156 -20.54 -10.28 6.34
CA GLU B 156 -21.77 -10.04 5.59
C GLU B 156 -22.84 -10.97 6.16
N HIS C 8 25.38 -8.84 -2.34
CA HIS C 8 25.81 -7.81 -3.28
C HIS C 8 24.77 -6.69 -3.44
N VAL C 9 25.11 -5.49 -2.98
CA VAL C 9 24.20 -4.36 -3.07
C VAL C 9 24.61 -3.48 -4.27
N GLU C 10 23.69 -2.61 -4.66
CA GLU C 10 24.01 -1.58 -5.65
C GLU C 10 23.44 -0.26 -5.17
N GLN C 11 23.70 0.79 -5.95
CA GLN C 11 23.24 2.14 -5.63
C GLN C 11 22.43 2.70 -6.79
N THR C 12 21.35 3.39 -6.44
CA THR C 12 20.51 4.06 -7.41
C THR C 12 20.38 5.54 -7.09
N TYR C 13 20.17 6.33 -8.14
CA TYR C 13 19.92 7.76 -7.99
C TYR C 13 18.41 7.99 -7.95
N LEU C 14 17.94 8.59 -6.86
CA LEU C 14 16.55 8.99 -6.70
C LEU C 14 16.50 10.47 -6.42
N MET C 15 15.57 11.17 -7.06
CA MET C 15 15.47 12.62 -6.94
C MET C 15 14.02 13.00 -6.69
N ILE C 16 13.78 13.69 -5.59
CA ILE C 16 12.45 14.25 -5.34
C ILE C 16 12.31 15.53 -6.15
N LYS C 17 11.28 15.58 -6.97
CA LYS C 17 11.06 16.68 -7.91
C LYS C 17 10.42 17.86 -7.18
N PRO C 18 10.33 19.02 -7.84
CA PRO C 18 9.78 20.20 -7.14
C PRO C 18 8.40 19.99 -6.57
N ASP C 19 7.57 19.17 -7.21
CA ASP C 19 6.25 18.89 -6.64
C ASP C 19 6.34 18.12 -5.32
N GLY C 20 7.31 17.22 -5.17
CA GLY C 20 7.48 16.56 -3.89
C GLY C 20 7.92 17.52 -2.80
N ILE C 21 8.77 18.47 -3.15
CA ILE C 21 9.21 19.48 -2.18
C ILE C 21 8.04 20.37 -1.78
N GLN C 22 7.32 20.91 -2.78
CA GLN C 22 6.26 21.88 -2.54
C GLN C 22 5.04 21.27 -1.87
N ARG C 23 4.71 20.01 -2.17
CA ARG C 23 3.62 19.33 -1.48
C ARG C 23 4.05 18.82 -0.10
N GLN C 24 5.33 18.98 0.24
CA GLN C 24 5.86 18.72 1.59
C GLN C 24 5.65 17.27 2.02
N VAL C 25 6.04 16.36 1.12
CA VAL C 25 6.01 14.92 1.33
C VAL C 25 7.41 14.31 1.28
N VAL C 26 8.45 15.14 1.47
CA VAL C 26 9.82 14.63 1.42
C VAL C 26 10.02 13.52 2.44
N GLY C 27 9.59 13.75 3.68
CA GLY C 27 9.78 12.75 4.71
C GLY C 27 9.06 11.44 4.42
N GLU C 28 7.83 11.54 3.92
CA GLU C 28 7.07 10.35 3.57
C GLU C 28 7.79 9.53 2.49
N ILE C 29 8.36 10.23 1.50
CA ILE C 29 9.08 9.53 0.44
C ILE C 29 10.30 8.80 1.02
N ILE C 30 11.10 9.52 1.79
CA ILE C 30 12.30 8.91 2.37
C ILE C 30 11.92 7.69 3.21
N SER C 31 10.85 7.82 4.02
CA SER C 31 10.44 6.72 4.88
C SER C 31 10.12 5.45 4.10
N ARG C 32 9.60 5.57 2.88
CA ARG C 32 9.27 4.38 2.13
C ARG C 32 10.51 3.56 1.79
N PHE C 33 11.61 4.25 1.45
CA PHE C 33 12.84 3.55 1.15
C PHE C 33 13.56 3.04 2.39
N GLU C 34 13.57 3.85 3.48
CA GLU C 34 14.14 3.41 4.73
C GLU C 34 13.43 2.18 5.25
N LYS C 35 12.13 2.07 4.96
CA LYS C 35 11.33 0.97 5.48
C LYS C 35 11.83 -0.39 5.01
N ARG C 36 12.44 -0.47 3.83
CA ARG C 36 12.98 -1.72 3.32
C ARG C 36 14.42 -1.99 3.76
N GLY C 37 14.98 -1.13 4.61
CA GLY C 37 16.36 -1.27 4.99
C GLY C 37 17.33 -0.75 3.95
N TYR C 38 16.86 0.09 3.02
CA TYR C 38 17.79 0.72 2.11
C TYR C 38 18.56 1.81 2.82
N ARG C 39 19.84 1.95 2.47
CA ARG C 39 20.76 2.84 3.18
C ARG C 39 20.89 4.15 2.41
N ILE C 40 20.76 5.26 3.13
CA ILE C 40 20.97 6.57 2.54
C ILE C 40 22.48 6.75 2.39
N ALA C 41 22.94 6.77 1.14
CA ALA C 41 24.36 6.96 0.87
C ALA C 41 24.71 8.38 0.47
N ALA C 42 23.75 9.17 0.03
CA ALA C 42 23.98 10.56 -0.31
C ALA C 42 22.65 11.28 -0.29
N MET C 43 22.70 12.57 0.05
CA MET C 43 21.48 13.38 0.08
C MET C 43 21.87 14.84 0.04
N LYS C 44 21.19 15.61 -0.80
CA LYS C 44 21.50 17.03 -0.99
C LYS C 44 20.28 17.75 -1.54
N LEU C 45 19.89 18.85 -0.91
CA LEU C 45 18.92 19.78 -1.49
C LEU C 45 19.62 20.78 -2.40
N THR C 46 19.10 20.97 -3.61
CA THR C 46 19.66 21.97 -4.51
C THR C 46 18.51 22.53 -5.34
N ILE C 47 18.80 23.55 -6.13
CA ILE C 47 17.84 24.07 -7.10
C ILE C 47 18.35 23.66 -8.46
N ALA C 48 17.61 22.80 -9.14
CA ALA C 48 18.04 22.31 -10.44
C ALA C 48 18.08 23.45 -11.46
N THR C 49 19.10 23.42 -12.31
CA THR C 49 19.28 24.42 -13.35
C THR C 49 19.02 23.81 -14.71
N PRO C 50 18.62 24.60 -15.70
CA PRO C 50 18.51 24.04 -17.06
C PRO C 50 19.76 23.32 -17.52
N ALA C 51 20.94 23.84 -17.19
CA ALA C 51 22.16 23.22 -17.69
C ALA C 51 22.29 21.78 -17.20
N ILE C 52 22.05 21.54 -15.90
CA ILE C 52 22.21 20.19 -15.40
C ILE C 52 21.06 19.31 -15.85
N LEU C 53 19.87 19.90 -15.98
CA LEU C 53 18.70 19.13 -16.43
C LEU C 53 18.82 18.69 -17.89
N GLU C 54 19.44 19.49 -18.75
CA GLU C 54 19.65 19.05 -20.13
C GLU C 54 20.55 17.82 -20.18
N GLU C 55 21.54 17.74 -19.28
CA GLU C 55 22.35 16.53 -19.23
CA GLU C 55 22.38 16.54 -19.18
C GLU C 55 21.60 15.38 -18.58
N HIS C 56 20.86 15.65 -17.51
CA HIS C 56 20.07 14.61 -16.86
C HIS C 56 19.11 13.97 -17.84
N TYR C 57 18.48 14.80 -18.68
CA TYR C 57 17.51 14.35 -19.67
C TYR C 57 18.11 14.26 -21.06
N ALA C 58 19.42 13.98 -21.15
CA ALA C 58 20.09 13.91 -22.46
C ALA C 58 19.40 12.95 -23.42
N GLU C 59 18.74 11.92 -22.91
CA GLU C 59 18.10 10.94 -23.80
C GLU C 59 16.89 11.52 -24.53
N HIS C 60 16.33 12.64 -24.07
CA HIS C 60 15.20 13.27 -24.73
C HIS C 60 15.62 14.48 -25.56
N LYS C 61 16.92 14.67 -25.79
CA LYS C 61 17.38 15.75 -26.64
C LYS C 61 16.60 15.75 -27.94
N GLY C 62 16.24 16.95 -28.40
CA GLY C 62 15.53 17.12 -29.65
C GLY C 62 14.05 16.78 -29.62
N LYS C 63 13.48 16.34 -28.45
CA LYS C 63 12.06 16.03 -28.47
C LYS C 63 11.25 17.27 -28.12
N PRO C 64 9.99 17.34 -28.60
CA PRO C 64 9.22 18.58 -28.44
C PRO C 64 8.82 18.86 -26.99
N PHE C 65 8.71 17.83 -26.16
CA PHE C 65 8.33 18.06 -24.77
C PHE C 65 9.50 18.46 -23.88
N LEU C 66 10.73 18.35 -24.35
CA LEU C 66 11.87 18.58 -23.44
C LEU C 66 11.86 19.98 -22.86
N PRO C 67 11.62 21.05 -23.61
CA PRO C 67 11.64 22.39 -22.99
C PRO C 67 10.68 22.52 -21.82
N GLY C 68 9.47 21.98 -21.95
CA GLY C 68 8.52 22.06 -20.87
C GLY C 68 8.87 21.17 -19.70
N LEU C 69 9.50 20.04 -19.97
CA LEU C 69 9.96 19.17 -18.89
C LEU C 69 11.04 19.86 -18.08
N ILE C 70 12.01 20.48 -18.76
CA ILE C 70 13.04 21.23 -18.05
CA ILE C 70 13.05 21.23 -18.07
C ILE C 70 12.41 22.36 -17.24
N GLU C 71 11.39 23.01 -17.80
CA GLU C 71 10.73 24.09 -17.07
C GLU C 71 10.12 23.59 -15.77
N LYS C 72 9.37 22.49 -15.83
CA LYS C 72 8.73 21.95 -14.63
C LYS C 72 9.76 21.54 -13.59
N MET C 73 10.94 21.09 -14.02
CA MET C 73 11.96 20.61 -13.12
C MET C 73 12.90 21.70 -12.61
N THR C 74 12.79 22.92 -13.11
CA THR C 74 13.67 24.01 -12.67
C THR C 74 13.09 24.52 -11.35
N GLY C 75 13.64 24.04 -10.26
CA GLY C 75 13.07 24.32 -8.95
C GLY C 75 13.83 23.52 -7.93
N PRO C 76 13.42 23.60 -6.66
CA PRO C 76 14.10 22.80 -5.64
C PRO C 76 13.89 21.31 -5.88
N VAL C 77 14.98 20.54 -5.69
CA VAL C 77 14.97 19.08 -5.77
C VAL C 77 15.80 18.51 -4.64
N LEU C 78 15.45 17.31 -4.20
CA LEU C 78 16.25 16.56 -3.23
C LEU C 78 16.94 15.44 -3.99
N CYS C 79 18.25 15.58 -4.17
CA CYS C 79 19.07 14.52 -4.76
C CYS C 79 19.36 13.46 -3.71
N MET C 80 19.24 12.18 -4.10
CA MET C 80 19.45 11.09 -3.14
C MET C 80 20.15 9.91 -3.81
N VAL C 81 20.94 9.18 -3.02
CA VAL C 81 21.46 7.87 -3.42
C VAL C 81 21.06 6.88 -2.33
N PHE C 82 20.40 5.81 -2.72
CA PHE C 82 20.04 4.72 -1.82
C PHE C 82 20.73 3.44 -2.27
N GLU C 83 21.11 2.62 -1.29
CA GLU C 83 21.83 1.38 -1.50
C GLU C 83 21.03 0.20 -0.99
N GLY C 84 21.00 -0.88 -1.75
CA GLY C 84 20.32 -2.08 -1.32
C GLY C 84 20.45 -3.16 -2.39
N VAL C 85 19.96 -4.35 -2.05
CA VAL C 85 19.95 -5.44 -3.02
C VAL C 85 18.99 -5.08 -4.16
N ASP C 86 19.50 -5.12 -5.40
CA ASP C 86 18.63 -4.90 -6.57
C ASP C 86 17.88 -3.58 -6.46
N VAL C 87 18.47 -2.57 -5.81
CA VAL C 87 17.71 -1.36 -5.51
C VAL C 87 17.36 -0.54 -6.74
N ILE C 88 18.11 -0.66 -7.84
CA ILE C 88 17.74 0.10 -9.04
C ILE C 88 16.37 -0.35 -9.53
N ALA C 89 16.22 -1.65 -9.79
CA ALA C 89 14.93 -2.18 -10.25
C ALA C 89 13.85 -2.06 -9.16
N GLN C 90 14.21 -2.31 -7.91
CA GLN C 90 13.21 -2.28 -6.85
C GLN C 90 12.68 -0.87 -6.63
N ALA C 91 13.56 0.13 -6.68
CA ALA C 91 13.09 1.49 -6.50
C ALA C 91 12.15 1.89 -7.64
N ARG C 92 12.44 1.45 -8.87
CA ARG C 92 11.51 1.71 -9.97
CA ARG C 92 11.52 1.68 -9.99
C ARG C 92 10.15 1.07 -9.71
N LYS C 93 10.14 -0.16 -9.20
CA LYS C 93 8.88 -0.82 -8.87
C LYS C 93 8.13 -0.06 -7.80
N MET C 94 8.85 0.46 -6.82
CA MET C 94 8.21 1.20 -5.73
C MET C 94 7.65 2.53 -6.21
N MET C 95 8.33 3.17 -7.16
CA MET C 95 7.82 4.42 -7.72
C MET C 95 6.55 4.20 -8.50
N GLY C 96 6.47 3.09 -9.23
CA GLY C 96 5.38 2.84 -10.15
C GLY C 96 5.60 3.45 -11.52
N SER C 97 4.69 3.11 -12.41
CA SER C 97 4.71 3.57 -13.79
C SER C 97 4.81 5.09 -13.88
N THR C 98 5.46 5.54 -14.96
CA THR C 98 5.64 6.97 -15.21
C THR C 98 4.33 7.74 -15.11
N ARG C 99 3.27 7.21 -15.71
CA ARG C 99 1.94 7.77 -15.64
C ARG C 99 1.25 7.29 -14.35
N PRO C 100 0.96 8.16 -13.41
CA PRO C 100 0.35 7.68 -12.15
C PRO C 100 -0.92 6.87 -12.34
N GLY C 101 -1.69 7.19 -13.37
CA GLY C 101 -2.94 6.49 -13.61
C GLY C 101 -2.74 5.04 -13.98
N GLU C 102 -1.55 4.70 -14.48
CA GLU C 102 -1.20 3.34 -14.87
C GLU C 102 -0.41 2.62 -13.78
N ALA C 103 -0.01 3.32 -12.76
CA ALA C 103 0.80 2.77 -11.69
C ALA C 103 -0.04 1.89 -10.75
N ALA C 104 0.63 0.89 -10.18
CA ALA C 104 -0.06 -0.05 -9.30
C ALA C 104 -0.37 0.57 -7.95
N PRO C 105 -1.51 0.24 -7.34
CA PRO C 105 -1.76 0.72 -5.98
C PRO C 105 -0.62 0.29 -5.07
N GLY C 106 -0.29 1.15 -4.13
CA GLY C 106 0.83 0.94 -3.24
C GLY C 106 2.15 1.53 -3.71
N THR C 107 2.23 1.98 -4.96
CA THR C 107 3.42 2.68 -5.46
C THR C 107 3.30 4.17 -5.15
N ILE C 108 4.46 4.84 -5.14
CA ILE C 108 4.50 6.28 -4.85
C ILE C 108 3.63 7.05 -5.84
N ARG C 109 3.81 6.82 -7.14
CA ARG C 109 3.06 7.62 -8.09
C ARG C 109 1.56 7.35 -8.00
N ALA C 110 1.15 6.10 -7.80
CA ALA C 110 -0.28 5.82 -7.68
C ALA C 110 -0.85 6.40 -6.39
N ASP C 111 -0.06 6.46 -5.33
CA ASP C 111 -0.59 6.88 -4.03
C ASP C 111 -0.64 8.40 -3.88
N PHE C 112 0.21 9.13 -4.63
CA PHE C 112 0.36 10.57 -4.44
C PHE C 112 -0.04 11.42 -5.66
N CYS C 113 -0.12 10.87 -6.86
CA CYS C 113 -0.08 11.70 -8.05
C CYS C 113 -1.19 11.39 -9.04
N GLN C 114 -1.31 12.29 -10.03
CA GLN C 114 -2.35 12.20 -11.04
C GLN C 114 -1.81 12.13 -12.46
N GLN C 115 -0.78 12.92 -12.79
CA GLN C 115 -0.29 13.04 -14.15
C GLN C 115 1.22 12.89 -14.25
N ALA C 116 1.68 12.40 -15.40
CA ALA C 116 3.10 12.10 -15.57
C ALA C 116 3.98 13.33 -15.38
N GLY C 117 3.50 14.49 -15.83
CA GLY C 117 4.28 15.71 -15.71
C GLY C 117 4.49 16.18 -14.29
N ARG C 118 3.73 15.63 -13.33
CA ARG C 118 3.90 15.94 -11.92
C ARG C 118 3.86 14.62 -11.15
N ASN C 119 4.92 13.81 -11.30
CA ASN C 119 4.94 12.47 -10.75
C ASN C 119 5.99 12.29 -9.67
N LEU C 120 6.32 13.39 -8.99
CA LEU C 120 6.91 13.45 -7.65
C LEU C 120 8.39 13.08 -7.52
N ILE C 121 8.84 12.10 -8.29
CA ILE C 121 10.11 11.47 -8.02
C ILE C 121 10.69 10.93 -9.29
N GLY C 123 13.76 8.08 -10.59
CA GLY C 123 14.74 7.04 -10.19
C GLY C 123 15.44 6.48 -11.42
N SER C 124 16.71 6.12 -11.26
CA SER C 124 17.48 5.56 -12.36
C SER C 124 16.79 4.31 -12.91
N ASP C 125 16.88 4.09 -14.22
CA ASP C 125 16.19 2.94 -14.77
C ASP C 125 17.09 1.75 -15.08
N SER C 126 18.39 1.84 -14.85
CA SER C 126 19.32 0.78 -15.20
C SER C 126 20.65 1.01 -14.50
N ALA C 127 21.50 -0.01 -14.51
CA ALA C 127 22.81 0.11 -13.91
C ALA C 127 23.61 1.23 -14.58
N GLU C 128 23.56 1.31 -15.90
CA GLU C 128 24.32 2.36 -16.57
C GLU C 128 23.77 3.73 -16.24
N SER C 129 22.45 3.89 -16.23
CA SER C 129 21.90 5.21 -15.93
CA SER C 129 21.86 5.20 -15.92
C SER C 129 22.12 5.59 -14.47
N ALA C 130 22.12 4.62 -13.56
CA ALA C 130 22.40 4.97 -12.16
C ALA C 130 23.82 5.51 -12.01
N LYS C 131 24.79 4.83 -12.62
CA LYS C 131 26.17 5.29 -12.52
C LYS C 131 26.30 6.69 -13.09
N ARG C 132 25.68 6.92 -14.25
CA ARG C 132 25.75 8.23 -14.89
C ARG C 132 25.08 9.32 -14.05
N GLU C 133 23.91 9.02 -13.49
CA GLU C 133 23.15 10.03 -12.79
C GLU C 133 23.78 10.36 -11.44
N ILE C 134 24.29 9.35 -10.74
CA ILE C 134 24.98 9.63 -9.49
C ILE C 134 26.18 10.54 -9.74
N SER C 135 26.94 10.27 -10.79
CA SER C 135 28.11 11.10 -11.11
C SER C 135 27.72 12.50 -11.54
N LEU C 136 26.56 12.66 -12.20
CA LEU C 136 26.14 13.98 -12.63
C LEU C 136 25.78 14.86 -11.44
N TRP C 137 25.03 14.32 -10.48
CA TRP C 137 24.47 15.13 -9.41
C TRP C 137 25.31 15.17 -8.14
N PHE C 138 26.26 14.24 -7.98
CA PHE C 138 27.08 14.16 -6.78
C PHE C 138 28.55 14.06 -7.11
N LYS C 139 29.38 14.76 -6.34
CA LYS C 139 30.82 14.52 -6.33
C LYS C 139 31.15 13.29 -5.50
N PRO C 140 32.24 12.59 -5.80
CA PRO C 140 32.54 11.36 -5.02
C PRO C 140 32.64 11.62 -3.54
N GLU C 141 33.14 12.80 -3.13
CA GLU C 141 33.26 13.13 -1.71
C GLU C 141 31.92 13.25 -1.00
N GLU C 142 30.80 13.36 -1.74
CA GLU C 142 29.48 13.46 -1.15
C GLU C 142 28.82 12.10 -0.90
N ILE C 143 29.40 11.03 -1.42
CA ILE C 143 28.88 9.67 -1.24
C ILE C 143 29.48 9.07 0.02
N GLN C 144 28.62 8.72 0.97
CA GLN C 144 29.02 8.34 2.32
C GLN C 144 28.95 6.83 2.50
N SER C 145 30.03 6.25 2.99
CA SER C 145 30.09 4.80 3.22
CA SER C 145 30.10 4.80 3.22
C SER C 145 30.03 4.50 4.70
N TYR C 146 29.01 3.73 5.09
CA TYR C 146 28.86 3.26 6.46
C TYR C 146 27.96 2.03 6.38
N LYS C 147 27.95 1.25 7.45
CA LYS C 147 27.21 -0.01 7.53
C LYS C 147 25.99 0.17 8.42
N LEU C 148 24.83 -0.32 7.97
CA LEU C 148 23.65 -0.31 8.83
C LEU C 148 23.81 -1.31 9.97
N ALA C 149 23.51 -0.87 11.19
CA ALA C 149 23.63 -1.74 12.36
C ALA C 149 22.70 -2.94 12.28
N LEU C 150 21.59 -2.82 11.56
CA LEU C 150 20.63 -3.91 11.39
C LEU C 150 20.95 -4.81 10.20
N SER C 151 22.15 -4.70 9.63
CA SER C 151 22.51 -5.46 8.43
CA SER C 151 22.49 -5.46 8.43
C SER C 151 22.25 -6.95 8.58
N ASP C 152 22.52 -7.52 9.76
CA ASP C 152 22.36 -8.97 9.90
C ASP C 152 20.90 -9.40 9.77
N TYR C 153 19.97 -8.48 10.00
CA TYR C 153 18.54 -8.75 9.93
C TYR C 153 17.90 -8.24 8.65
N ILE C 154 18.67 -7.62 7.77
CA ILE C 154 18.19 -7.15 6.49
C ILE C 154 18.66 -8.03 5.35
N PHE C 155 19.93 -8.45 5.40
CA PHE C 155 20.53 -9.23 4.34
C PHE C 155 20.65 -10.68 4.75
N GLU C 156 20.52 -11.57 3.77
CA GLU C 156 20.59 -13.00 4.06
C GLU C 156 22.08 -13.37 4.04
#